data_3PPE
#
_entry.id   3PPE
#
_cell.length_a   99.973
_cell.length_b   99.973
_cell.length_c   105.987
_cell.angle_alpha   90.00
_cell.angle_beta   90.00
_cell.angle_gamma   90.00
#
_symmetry.space_group_name_H-M   'P 43 21 2'
#
loop_
_entity.id
_entity.type
_entity.pdbx_description
1 polymer 'Vascular endothelial cadherin'
2 non-polymer 'CALCIUM ION'
3 water water
#
_entity_poly.entity_id   1
_entity_poly.type   'polypeptide(L)'
_entity_poly.pdbx_seq_one_letter_code
;DWIWNRMHIREEIDSPLPHHVGKLTSSVGNKNAMYIIEGESANTIFKVQGYDGDIYAFERLDREKKAEYELTAHIIDRRN
NRSLEPPSKFIIKVSDINDNAPIFVQKIFNGSVPEMSRLGTSVTKVTAEDADDPTVAGHATVTYQIIKGNEYFTVDDSGV
IFTARADLDRESQSAYEIIVKAKDALGLTGESSTATVIIRLTD
;
_entity_poly.pdbx_strand_id   A,B
#
loop_
_chem_comp.id
_chem_comp.type
_chem_comp.name
_chem_comp.formula
CA non-polymer 'CALCIUM ION' 'Ca 2'
#
# COMPACT_ATOMS: atom_id res chain seq x y z
N ASP A 1 6.52 13.82 -17.41
CA ASP A 1 7.42 13.73 -16.24
C ASP A 1 7.00 12.62 -15.30
N TRP A 2 7.97 11.99 -14.66
CA TRP A 2 7.70 10.99 -13.61
C TRP A 2 7.26 11.70 -12.34
N ILE A 3 6.17 11.27 -11.80
CA ILE A 3 5.66 11.81 -10.54
C ILE A 3 5.86 10.83 -9.39
N TRP A 4 6.80 11.10 -8.50
CA TRP A 4 7.16 10.17 -7.45
C TRP A 4 6.66 10.63 -6.05
N ASN A 5 6.36 11.91 -5.89
CA ASN A 5 5.87 12.44 -4.59
C ASN A 5 4.37 12.24 -4.39
N ARG A 6 3.98 10.99 -4.33
CA ARG A 6 2.60 10.56 -4.29
C ARG A 6 2.49 9.32 -3.41
N MET A 7 1.36 9.21 -2.72
CA MET A 7 0.97 7.97 -2.05
C MET A 7 -0.42 7.66 -2.58
N HIS A 8 -0.81 6.39 -2.51
CA HIS A 8 -2.11 5.94 -3.03
C HIS A 8 -2.71 5.05 -2.00
N ILE A 9 -3.98 5.29 -1.76
CA ILE A 9 -4.78 4.44 -0.88
CA ILE A 9 -4.80 4.49 -0.86
C ILE A 9 -6.17 4.24 -1.51
N ARG A 10 -6.62 3.00 -1.51
CA ARG A 10 -7.91 2.60 -2.06
C ARG A 10 -9.06 3.18 -1.26
N GLU A 11 -10.12 3.64 -1.94
CA GLU A 11 -11.30 4.10 -1.21
C GLU A 11 -12.10 2.93 -0.71
N GLU A 12 -12.93 3.20 0.31
CA GLU A 12 -13.98 2.25 0.79
C GLU A 12 -13.41 0.92 1.36
N ILE A 13 -12.24 1.01 1.97
CA ILE A 13 -11.59 -0.15 2.56
C ILE A 13 -12.34 -0.62 3.81
N ASP A 14 -12.70 -1.90 3.83
CA ASP A 14 -13.72 -2.39 4.75
C ASP A 14 -13.15 -3.42 5.72
N SER A 15 -11.82 -3.54 5.72
CA SER A 15 -11.11 -4.19 6.82
C SER A 15 -10.83 -3.20 7.95
N PRO A 16 -10.33 -3.72 9.07
CA PRO A 16 -10.18 -2.92 10.28
C PRO A 16 -9.22 -1.75 10.07
N LEU A 17 -9.64 -0.55 10.48
CA LEU A 17 -8.72 0.57 10.61
C LEU A 17 -7.63 0.28 11.64
N PRO A 18 -6.54 1.02 11.57
CA PRO A 18 -6.32 1.97 10.46
C PRO A 18 -5.70 1.30 9.25
N HIS A 19 -5.53 2.05 8.16
CA HIS A 19 -5.10 1.48 6.88
C HIS A 19 -3.83 2.12 6.37
N HIS A 20 -2.89 1.32 5.94
CA HIS A 20 -1.58 1.80 5.55
C HIS A 20 -1.70 2.56 4.23
N VAL A 21 -1.19 3.80 4.25
CA VAL A 21 -1.22 4.70 3.08
C VAL A 21 0.08 4.61 2.30
N GLY A 22 1.21 4.76 2.98
CA GLY A 22 2.51 4.80 2.29
C GLY A 22 3.60 5.19 3.27
N LYS A 23 4.78 5.54 2.77
CA LYS A 23 5.90 5.80 3.68
C LYS A 23 6.73 6.97 3.23
N LEU A 24 7.03 7.86 4.16
CA LEU A 24 7.95 8.95 3.92
C LEU A 24 9.38 8.48 4.11
N THR A 25 10.31 9.00 3.33
CA THR A 25 11.74 8.76 3.57
C THR A 25 12.58 10.02 3.38
N SER A 26 13.25 10.45 4.46
CA SER A 26 14.32 11.46 4.37
C SER A 26 15.63 10.75 4.59
N SER A 27 16.67 11.18 3.88
CA SER A 27 18.01 10.60 4.03
CA SER A 27 17.98 10.60 4.05
C SER A 27 18.73 11.03 5.30
N VAL A 28 18.33 11.97 6.15
CA VAL A 28 19.08 12.24 7.38
C VAL A 28 19.04 11.06 8.34
N GLY A 29 20.00 11.02 9.26
CA GLY A 29 20.27 9.82 10.03
C GLY A 29 20.55 10.21 11.46
N ASN A 30 20.29 11.46 11.80
CA ASN A 30 19.92 11.84 13.16
C ASN A 30 18.71 11.03 13.62
N LYS A 31 18.91 10.22 14.65
CA LYS A 31 17.85 9.37 15.17
C LYS A 31 17.16 10.00 16.37
N ASN A 32 17.41 11.29 16.58
CA ASN A 32 16.48 12.16 17.28
C ASN A 32 15.43 12.77 16.33
N ALA A 33 15.43 12.29 15.09
CA ALA A 33 14.52 12.85 14.06
C ALA A 33 13.12 12.23 14.09
N MET A 34 12.11 13.06 13.80
CA MET A 34 10.74 12.63 13.68
C MET A 34 10.11 13.21 12.40
N TYR A 35 9.35 12.37 11.70
CA TYR A 35 8.54 12.77 10.57
C TYR A 35 7.28 13.45 11.08
N ILE A 36 7.00 14.65 10.55
CA ILE A 36 5.85 15.47 10.94
C ILE A 36 5.13 15.82 9.64
N ILE A 37 3.80 15.80 9.67
CA ILE A 37 3.02 16.22 8.49
C ILE A 37 2.04 17.34 8.79
N GLU A 38 1.68 18.11 7.75
CA GLU A 38 0.68 19.14 7.82
C GLU A 38 -0.09 19.03 6.52
N GLY A 39 -1.22 19.74 6.44
CA GLY A 39 -1.95 19.86 5.18
C GLY A 39 -3.32 19.22 5.31
N GLU A 40 -3.89 18.78 4.17
CA GLU A 40 -5.30 18.37 4.14
C GLU A 40 -5.56 17.07 4.89
N SER A 41 -6.33 17.19 5.98
CA SER A 41 -6.64 16.10 6.92
C SER A 41 -5.38 15.46 7.51
N ALA A 42 -4.24 16.18 7.48
CA ALA A 42 -3.03 15.73 8.21
C ALA A 42 -3.31 15.68 9.71
N ASN A 43 -2.90 14.59 10.35
CA ASN A 43 -3.04 14.44 11.81
C ASN A 43 -4.49 14.21 12.31
N THR A 44 -5.45 14.15 11.38
CA THR A 44 -6.82 13.76 11.67
C THR A 44 -7.08 12.43 10.96
N ILE A 45 -7.28 12.47 9.66
CA ILE A 45 -7.42 11.22 8.90
C ILE A 45 -6.09 10.49 8.75
N PHE A 46 -5.06 11.24 8.41
CA PHE A 46 -3.77 10.66 8.08
C PHE A 46 -2.82 10.94 9.22
N LYS A 47 -2.25 9.88 9.78
CA LYS A 47 -1.31 10.06 10.87
C LYS A 47 -0.05 9.27 10.63
N VAL A 48 1.07 9.86 11.02
CA VAL A 48 2.36 9.17 11.02
C VAL A 48 2.41 8.14 12.15
N GLN A 49 3.06 7.01 11.86
CA GLN A 49 3.13 5.92 12.81
C GLN A 49 4.52 5.26 12.78
N GLY A 50 5.32 5.55 13.82
CA GLY A 50 6.74 5.77 13.63
C GLY A 50 7.58 4.65 14.19
N TYR A 51 8.87 4.65 13.88
CA TYR A 51 9.59 5.90 13.64
C TYR A 51 10.06 5.99 12.19
N ASP A 52 9.32 5.35 11.30
CA ASP A 52 9.87 4.95 10.01
C ASP A 52 9.31 5.80 8.87
N GLY A 53 8.30 6.59 9.18
CA GLY A 53 7.73 7.52 8.22
C GLY A 53 6.45 7.01 7.61
N ASP A 54 5.93 5.91 8.15
CA ASP A 54 4.68 5.31 7.65
C ASP A 54 3.48 6.16 8.01
N ILE A 55 2.59 6.34 7.04
CA ILE A 55 1.37 7.11 7.20
C ILE A 55 0.24 6.13 7.09
N TYR A 56 -0.70 6.26 8.01
CA TYR A 56 -1.91 5.45 8.04
C TYR A 56 -3.13 6.33 7.96
N ALA A 57 -4.21 5.78 7.43
CA ALA A 57 -5.51 6.45 7.38
C ALA A 57 -6.41 5.90 8.49
N PHE A 58 -7.12 6.81 9.15
CA PHE A 58 -7.92 6.48 10.35
C PHE A 58 -9.43 6.62 10.12
N GLU A 59 -9.79 6.84 8.86
CA GLU A 59 -11.17 6.77 8.40
C GLU A 59 -11.17 6.03 7.09
N ARG A 60 -12.31 5.41 6.80
CA ARG A 60 -12.59 4.92 5.47
C ARG A 60 -12.81 6.13 4.56
N LEU A 61 -12.31 6.03 3.34
CA LEU A 61 -12.32 7.13 2.41
C LEU A 61 -13.30 6.91 1.21
N ASP A 62 -13.88 7.99 0.73
CA ASP A 62 -14.74 7.91 -0.43
C ASP A 62 -14.16 8.83 -1.47
N ARG A 63 -13.60 8.25 -2.53
CA ARG A 63 -13.05 9.08 -3.63
C ARG A 63 -14.09 10.06 -4.22
N GLU A 64 -15.36 9.67 -4.19
CA GLU A 64 -16.40 10.53 -4.74
C GLU A 64 -16.72 11.75 -3.87
N LYS A 65 -16.25 11.74 -2.61
CA LYS A 65 -16.31 12.91 -1.72
C LYS A 65 -15.05 13.77 -1.89
N LYS A 66 -13.87 13.13 -1.78
CA LYS A 66 -12.59 13.84 -1.99
C LYS A 66 -11.60 12.90 -2.61
N ALA A 67 -10.99 13.28 -3.73
CA ALA A 67 -10.24 12.30 -4.52
C ALA A 67 -8.74 12.31 -4.23
N GLU A 68 -8.27 13.37 -3.58
CA GLU A 68 -6.85 13.48 -3.24
C GLU A 68 -6.64 14.55 -2.15
N TYR A 69 -5.48 14.48 -1.49
CA TYR A 69 -5.14 15.31 -0.33
C TYR A 69 -3.69 15.80 -0.51
N GLU A 70 -3.50 17.11 -0.41
CA GLU A 70 -2.21 17.79 -0.49
C GLU A 70 -1.62 17.92 0.91
N LEU A 71 -0.46 17.30 1.12
CA LEU A 71 0.19 17.40 2.41
C LEU A 71 1.64 17.84 2.26
N THR A 72 2.27 18.18 3.39
CA THR A 72 3.68 18.57 3.38
C THR A 72 4.37 17.82 4.48
N ALA A 73 5.51 17.24 4.15
CA ALA A 73 6.28 16.45 5.08
C ALA A 73 7.47 17.25 5.64
N HIS A 74 7.79 17.03 6.90
CA HIS A 74 9.03 17.54 7.48
C HIS A 74 9.81 16.43 8.17
N ILE A 75 10.96 16.79 8.74
CA ILE A 75 11.66 15.91 9.66
C ILE A 75 12.41 16.72 10.72
N ILE A 76 12.09 16.47 11.99
CA ILE A 76 12.39 17.42 13.06
C ILE A 76 13.23 16.77 14.15
N ASP A 77 14.27 17.48 14.58
CA ASP A 77 15.03 17.09 15.76
C ASP A 77 14.21 17.33 17.04
N ARG A 78 13.78 16.25 17.68
CA ARG A 78 12.86 16.33 18.79
C ARG A 78 13.57 16.79 20.06
N ARG A 79 14.90 16.85 20.00
CA ARG A 79 15.68 17.48 21.06
C ARG A 79 15.43 18.98 21.12
N ASN A 80 15.51 19.63 19.97
CA ASN A 80 15.62 21.09 19.92
C ASN A 80 14.62 21.71 18.94
N ASN A 81 13.77 20.86 18.36
CA ASN A 81 12.72 21.33 17.46
C ASN A 81 13.29 22.06 16.25
N ARG A 82 14.51 21.70 15.86
CA ARG A 82 15.10 22.19 14.61
C ARG A 82 14.58 21.38 13.42
N SER A 83 14.24 22.09 12.35
CA SER A 83 13.94 21.45 11.07
C SER A 83 15.22 20.97 10.38
N LEU A 84 15.27 19.68 10.09
CA LEU A 84 16.47 19.08 9.56
C LEU A 84 16.47 19.04 8.01
N GLU A 85 15.31 19.21 7.38
CA GLU A 85 15.18 19.21 5.94
C GLU A 85 14.26 20.32 5.51
N PRO A 86 14.34 20.72 4.23
CA PRO A 86 13.33 21.56 3.62
C PRO A 86 12.03 20.74 3.62
N PRO A 87 10.88 21.39 3.77
CA PRO A 87 9.67 20.59 3.78
C PRO A 87 9.42 19.98 2.37
N SER A 88 8.59 18.96 2.27
CA SER A 88 8.39 18.31 0.97
C SER A 88 6.90 18.11 0.73
N LYS A 89 6.37 18.80 -0.26
CA LYS A 89 4.96 18.62 -0.66
C LYS A 89 4.72 17.28 -1.36
N PHE A 90 3.57 16.67 -1.08
CA PHE A 90 3.19 15.42 -1.71
C PHE A 90 1.68 15.32 -1.76
N ILE A 91 1.18 14.38 -2.55
CA ILE A 91 -0.26 14.18 -2.63
C ILE A 91 -0.56 12.74 -2.27
N ILE A 92 -1.56 12.57 -1.39
CA ILE A 92 -2.14 11.26 -1.14
C ILE A 92 -3.35 11.16 -2.10
N LYS A 93 -3.28 10.22 -3.03
CA LYS A 93 -4.34 10.00 -4.06
C LYS A 93 -5.25 8.89 -3.58
N VAL A 94 -6.57 9.09 -3.67
CA VAL A 94 -7.53 8.03 -3.28
C VAL A 94 -7.85 7.27 -4.57
N SER A 95 -7.53 5.98 -4.62
CA SER A 95 -7.69 5.13 -5.80
C SER A 95 -9.14 4.67 -5.89
N ASP A 96 -9.71 4.78 -7.07
CA ASP A 96 -11.12 4.52 -7.33
C ASP A 96 -11.48 3.03 -7.30
N ILE A 97 -12.57 2.68 -6.63
CA ILE A 97 -13.20 1.41 -6.90
C ILE A 97 -14.50 1.68 -7.68
N ASN A 98 -14.97 0.66 -8.38
CA ASN A 98 -16.24 0.76 -9.08
C ASN A 98 -17.41 0.59 -8.10
N ASP A 99 -17.86 1.68 -7.51
CA ASP A 99 -18.92 1.59 -6.52
C ASP A 99 -20.14 2.47 -6.83
N ASN A 100 -20.19 3.02 -8.05
CA ASN A 100 -21.33 3.79 -8.51
C ASN A 100 -21.87 3.26 -9.83
N ALA A 101 -23.19 3.25 -9.94
CA ALA A 101 -23.83 2.88 -11.20
C ALA A 101 -24.16 4.19 -11.97
N PRO A 102 -24.32 4.10 -13.30
CA PRO A 102 -24.77 5.32 -14.02
C PRO A 102 -26.19 5.67 -13.62
N ILE A 103 -26.45 6.97 -13.48
CA ILE A 103 -27.80 7.45 -13.12
C ILE A 103 -28.24 8.45 -14.17
N PHE A 104 -29.45 8.30 -14.67
CA PHE A 104 -29.92 9.23 -15.71
C PHE A 104 -29.94 10.67 -15.24
N VAL A 105 -29.86 11.62 -16.16
CA VAL A 105 -29.86 13.03 -15.76
C VAL A 105 -31.27 13.63 -15.59
N GLN A 106 -32.31 12.90 -16.02
CA GLN A 106 -33.71 13.32 -15.93
C GLN A 106 -34.48 12.03 -15.72
N LYS A 107 -35.58 12.12 -14.97
CA LYS A 107 -36.53 11.03 -14.85
C LYS A 107 -37.25 10.67 -16.17
N ILE A 108 -37.67 11.71 -16.90
CA ILE A 108 -38.36 11.60 -18.17
C ILE A 108 -37.65 12.47 -19.23
N PHE A 109 -37.27 11.83 -20.33
CA PHE A 109 -36.84 12.50 -21.55
C PHE A 109 -37.97 12.54 -22.59
N ASN A 110 -37.94 13.54 -23.45
CA ASN A 110 -38.96 13.70 -24.48
C ASN A 110 -38.29 13.82 -25.83
N GLY A 111 -38.87 13.17 -26.83
CA GLY A 111 -38.47 13.44 -28.20
C GLY A 111 -39.60 13.26 -29.17
N SER A 112 -39.29 13.51 -30.43
CA SER A 112 -40.28 13.32 -31.46
C SER A 112 -39.57 12.94 -32.76
N VAL A 113 -40.32 12.29 -33.62
CA VAL A 113 -39.80 11.89 -34.91
C VAL A 113 -41.00 11.86 -35.87
N PRO A 114 -40.83 12.27 -37.15
CA PRO A 114 -41.92 12.12 -38.12
C PRO A 114 -42.25 10.68 -38.34
N GLU A 115 -43.55 10.39 -38.51
CA GLU A 115 -44.01 9.05 -38.80
C GLU A 115 -43.38 8.57 -40.08
N MET A 116 -43.27 7.25 -40.22
CA MET A 116 -42.77 6.64 -41.45
C MET A 116 -41.33 7.08 -41.83
N SER A 117 -40.54 7.55 -40.87
CA SER A 117 -39.12 7.81 -41.12
C SER A 117 -38.42 6.47 -41.40
N ARG A 118 -37.37 6.53 -42.21
CA ARG A 118 -36.57 5.35 -42.46
CA ARG A 118 -36.43 5.45 -42.46
C ARG A 118 -36.03 4.71 -41.15
N LEU A 119 -35.81 3.41 -41.23
CA LEU A 119 -35.12 2.69 -40.16
C LEU A 119 -33.80 3.40 -39.83
N GLY A 120 -33.53 3.54 -38.52
CA GLY A 120 -32.27 4.09 -38.04
C GLY A 120 -32.26 5.62 -38.06
N THR A 121 -33.46 6.21 -38.02
CA THR A 121 -33.58 7.65 -37.88
C THR A 121 -33.38 8.03 -36.43
N SER A 122 -32.43 8.94 -36.21
CA SER A 122 -32.07 9.40 -34.90
C SER A 122 -33.26 10.20 -34.31
N VAL A 123 -33.62 9.92 -33.06
CA VAL A 123 -34.79 10.55 -32.47
C VAL A 123 -34.41 11.60 -31.41
N THR A 124 -33.61 11.17 -30.41
CA THR A 124 -33.29 11.98 -29.27
C THR A 124 -32.12 11.30 -28.55
N LYS A 125 -31.51 11.98 -27.59
CA LYS A 125 -30.40 11.39 -26.87
C LYS A 125 -30.75 11.34 -25.40
N VAL A 126 -30.48 10.21 -24.75
CA VAL A 126 -30.58 10.12 -23.29
C VAL A 126 -29.14 10.08 -22.74
N THR A 127 -28.98 10.41 -21.47
CA THR A 127 -27.64 10.46 -20.85
C THR A 127 -27.75 10.03 -19.41
N ALA A 128 -26.90 9.08 -19.01
CA ALA A 128 -26.69 8.74 -17.60
C ALA A 128 -25.23 9.03 -17.24
N GLU A 129 -24.99 9.47 -16.01
CA GLU A 129 -23.63 9.82 -15.57
C GLU A 129 -23.27 8.87 -14.45
N ASP A 130 -22.01 8.47 -14.45
CA ASP A 130 -21.49 7.51 -13.49
C ASP A 130 -20.44 8.26 -12.70
N ALA A 131 -20.60 8.28 -11.37
CA ALA A 131 -19.77 9.10 -10.48
C ALA A 131 -18.34 8.55 -10.25
N ASP A 132 -18.05 7.35 -10.72
CA ASP A 132 -16.71 6.78 -10.61
C ASP A 132 -15.71 7.53 -11.48
N ASP A 133 -14.45 7.15 -11.37
CA ASP A 133 -13.36 7.86 -12.05
C ASP A 133 -13.27 7.46 -13.52
N PRO A 134 -13.43 8.42 -14.41
CA PRO A 134 -13.53 8.15 -15.85
C PRO A 134 -12.17 7.85 -16.46
N THR A 135 -11.12 7.92 -15.65
CA THR A 135 -9.77 7.64 -16.12
C THR A 135 -9.33 6.24 -15.73
N VAL A 136 -10.19 5.53 -15.01
CA VAL A 136 -9.90 4.16 -14.60
C VAL A 136 -10.58 3.22 -15.60
N ALA A 137 -10.18 1.96 -15.58
CA ALA A 137 -10.58 1.01 -16.61
C ALA A 137 -12.07 0.79 -16.44
N GLY A 138 -12.87 1.56 -17.17
CA GLY A 138 -14.24 1.18 -17.46
C GLY A 138 -15.20 1.64 -16.38
N HIS A 139 -14.67 2.20 -15.31
CA HIS A 139 -15.43 2.42 -14.09
C HIS A 139 -16.59 3.37 -14.32
N ALA A 140 -16.40 4.33 -15.23
CA ALA A 140 -17.43 5.30 -15.53
C ALA A 140 -17.82 5.16 -17.01
N THR A 141 -17.61 3.98 -17.57
CA THR A 141 -18.01 3.72 -18.92
C THR A 141 -19.50 3.34 -18.91
N VAL A 142 -20.34 4.11 -19.59
CA VAL A 142 -21.80 3.90 -19.51
C VAL A 142 -22.25 3.20 -20.79
N THR A 143 -23.14 2.23 -20.65
CA THR A 143 -23.79 1.54 -21.77
C THR A 143 -25.32 1.61 -21.55
N TYR A 144 -26.10 1.48 -22.62
CA TYR A 144 -27.54 1.73 -22.56
C TYR A 144 -28.30 0.56 -23.21
N GLN A 145 -29.50 0.27 -22.70
CA GLN A 145 -30.35 -0.75 -23.26
C GLN A 145 -31.79 -0.21 -23.19
N ILE A 146 -32.59 -0.48 -24.21
CA ILE A 146 -34.04 -0.26 -24.08
C ILE A 146 -34.65 -1.55 -23.54
N ILE A 147 -35.38 -1.46 -22.44
CA ILE A 147 -35.90 -2.65 -21.78
C ILE A 147 -37.44 -2.72 -21.93
N LYS A 148 -38.06 -1.65 -22.42
CA LYS A 148 -39.45 -1.70 -22.83
C LYS A 148 -39.60 -0.86 -24.07
N GLY A 149 -40.10 -1.45 -25.17
CA GLY A 149 -40.22 -0.70 -26.46
C GLY A 149 -39.10 -0.91 -27.47
N ASN A 150 -38.29 -1.92 -27.21
CA ASN A 150 -37.12 -2.20 -28.04
CA ASN A 150 -37.12 -2.22 -28.04
C ASN A 150 -37.48 -2.71 -29.46
N GLU A 151 -38.73 -3.11 -29.67
CA GLU A 151 -39.25 -3.48 -31.01
C GLU A 151 -39.43 -2.26 -31.94
N TYR A 152 -39.58 -1.09 -31.32
CA TYR A 152 -39.91 0.16 -32.00
C TYR A 152 -38.71 1.10 -32.16
N PHE A 153 -37.79 1.07 -31.17
CA PHE A 153 -36.61 1.96 -31.09
C PHE A 153 -35.39 1.20 -30.61
N THR A 154 -34.22 1.61 -31.06
CA THR A 154 -32.96 1.07 -30.55
C THR A 154 -32.20 2.19 -29.86
N VAL A 155 -31.20 1.83 -29.06
CA VAL A 155 -30.35 2.85 -28.47
C VAL A 155 -28.89 2.45 -28.68
N ASP A 156 -28.01 3.41 -28.98
CA ASP A 156 -26.59 3.06 -29.09
C ASP A 156 -25.90 3.27 -27.73
N ASP A 157 -24.61 2.97 -27.62
CA ASP A 157 -23.98 3.07 -26.30
C ASP A 157 -23.54 4.50 -25.96
N SER A 158 -23.87 5.48 -26.84
CA SER A 158 -23.86 6.90 -26.47
C SER A 158 -25.21 7.43 -25.94
N GLY A 159 -26.22 6.57 -25.88
CA GLY A 159 -27.55 7.01 -25.45
C GLY A 159 -28.43 7.60 -26.55
N VAL A 160 -27.99 7.52 -27.79
CA VAL A 160 -28.81 7.97 -28.92
C VAL A 160 -29.88 6.93 -29.28
N ILE A 161 -31.12 7.40 -29.36
CA ILE A 161 -32.28 6.55 -29.69
CA ILE A 161 -32.31 6.59 -29.68
C ILE A 161 -32.62 6.74 -31.17
N PHE A 162 -32.88 5.62 -31.85
CA PHE A 162 -33.14 5.57 -33.28
C PHE A 162 -34.40 4.76 -33.52
N THR A 163 -35.10 5.03 -34.64
CA THR A 163 -36.24 4.19 -35.04
C THR A 163 -35.69 2.80 -35.37
N ALA A 164 -36.42 1.76 -34.92
CA ALA A 164 -36.08 0.36 -35.12
C ALA A 164 -36.87 -0.28 -36.26
N ARG A 165 -37.79 0.48 -36.84
CA ARG A 165 -38.69 0.02 -37.91
C ARG A 165 -38.89 1.19 -38.82
N ALA A 166 -39.18 0.94 -40.10
CA ALA A 166 -39.47 2.02 -41.06
C ALA A 166 -40.96 2.29 -41.21
N ASP A 167 -41.82 1.55 -40.53
CA ASP A 167 -43.29 1.71 -40.71
C ASP A 167 -44.01 2.33 -39.51
N LEU A 168 -43.34 3.17 -38.71
CA LEU A 168 -44.04 3.75 -37.56
C LEU A 168 -45.11 4.75 -38.01
N ASP A 169 -46.35 4.41 -37.70
CA ASP A 169 -47.54 5.07 -38.24
C ASP A 169 -48.22 5.79 -37.09
N ARG A 170 -48.29 7.11 -37.18
CA ARG A 170 -48.94 7.96 -36.18
C ARG A 170 -50.41 7.54 -35.88
N GLU A 171 -51.12 7.05 -36.88
CA GLU A 171 -52.49 6.56 -36.70
C GLU A 171 -52.51 5.37 -35.75
N SER A 172 -51.60 4.40 -35.92
CA SER A 172 -51.50 3.27 -35.00
C SER A 172 -51.19 3.69 -33.58
N GLN A 173 -50.21 4.57 -33.44
CA GLN A 173 -49.71 5.04 -32.16
C GLN A 173 -48.98 6.40 -32.36
N SER A 174 -49.45 7.43 -31.68
CA SER A 174 -48.82 8.76 -31.79
C SER A 174 -47.78 9.09 -30.73
N ALA A 175 -47.67 8.26 -29.70
CA ALA A 175 -46.69 8.51 -28.62
C ALA A 175 -46.21 7.20 -28.01
N TYR A 176 -44.91 6.99 -27.96
CA TYR A 176 -44.41 5.78 -27.33
C TYR A 176 -43.82 6.16 -26.00
N GLU A 177 -44.00 5.30 -25.02
CA GLU A 177 -43.34 5.51 -23.77
C GLU A 177 -42.40 4.33 -23.61
N ILE A 178 -41.10 4.58 -23.79
CA ILE A 178 -40.14 3.50 -23.71
C ILE A 178 -39.29 3.62 -22.42
N ILE A 179 -38.75 2.51 -21.97
CA ILE A 179 -37.93 2.51 -20.76
CA ILE A 179 -37.93 2.52 -20.75
C ILE A 179 -36.49 2.19 -21.11
N VAL A 180 -35.58 3.04 -20.67
CA VAL A 180 -34.18 2.83 -20.92
CA VAL A 180 -34.17 2.85 -20.92
C VAL A 180 -33.47 2.50 -19.60
N LYS A 181 -32.38 1.74 -19.68
CA LYS A 181 -31.63 1.38 -18.52
C LYS A 181 -30.16 1.60 -18.86
N ALA A 182 -29.40 2.11 -17.88
CA ALA A 182 -27.97 2.32 -18.06
C ALA A 182 -27.17 1.44 -17.11
N LYS A 183 -25.91 1.19 -17.46
CA LYS A 183 -25.12 0.16 -16.81
C LYS A 183 -23.65 0.22 -17.23
N ASP A 184 -22.77 0.46 -16.26
CA ASP A 184 -21.36 0.64 -16.55
C ASP A 184 -20.71 -0.67 -16.99
N ALA A 185 -19.55 -0.57 -17.62
CA ALA A 185 -19.01 -1.66 -18.42
C ALA A 185 -18.66 -2.86 -17.55
N LEU A 186 -18.62 -2.64 -16.24
CA LEU A 186 -18.33 -3.72 -15.29
C LEU A 186 -19.61 -4.33 -14.74
N GLY A 187 -20.75 -3.74 -15.11
CA GLY A 187 -22.03 -4.40 -14.96
C GLY A 187 -22.89 -3.76 -13.88
N LEU A 188 -22.40 -2.66 -13.32
CA LEU A 188 -23.04 -2.03 -12.17
C LEU A 188 -24.33 -1.33 -12.58
N THR A 189 -25.46 -1.84 -12.09
CA THR A 189 -26.70 -1.10 -12.10
C THR A 189 -27.58 -1.45 -10.91
N GLY A 190 -28.83 -1.03 -10.95
CA GLY A 190 -29.17 0.35 -11.30
C GLY A 190 -30.59 0.59 -10.85
N GLU A 191 -30.76 1.53 -9.92
CA GLU A 191 -31.81 2.53 -10.01
C GLU A 191 -31.36 3.66 -9.08
N SER A 192 -30.86 4.73 -9.67
CA SER A 192 -31.64 5.56 -10.56
C SER A 192 -31.33 5.27 -12.02
N SER A 193 -31.08 4.00 -12.32
CA SER A 193 -30.39 3.63 -13.55
C SER A 193 -31.38 3.31 -14.67
N THR A 194 -32.64 3.65 -14.45
CA THR A 194 -33.64 3.61 -15.51
C THR A 194 -34.28 4.99 -15.71
N ALA A 195 -34.86 5.19 -16.89
CA ALA A 195 -35.67 6.37 -17.15
C ALA A 195 -36.72 6.10 -18.23
N THR A 196 -37.61 7.05 -18.44
CA THR A 196 -38.63 6.93 -19.48
C THR A 196 -38.36 7.94 -20.56
N VAL A 197 -38.59 7.50 -21.80
CA VAL A 197 -38.55 8.36 -22.95
C VAL A 197 -39.93 8.38 -23.59
N ILE A 198 -40.53 9.54 -23.64
CA ILE A 198 -41.77 9.74 -24.38
C ILE A 198 -41.40 10.24 -25.76
N ILE A 199 -41.74 9.44 -26.77
CA ILE A 199 -41.42 9.75 -28.14
C ILE A 199 -42.74 9.95 -28.92
N ARG A 200 -42.98 11.17 -29.35
CA ARG A 200 -44.17 11.48 -30.12
C ARG A 200 -43.88 11.29 -31.60
N LEU A 201 -44.82 10.69 -32.32
CA LEU A 201 -44.77 10.60 -33.77
C LEU A 201 -45.50 11.79 -34.36
N THR A 202 -44.82 12.53 -35.23
CA THR A 202 -45.37 13.74 -35.81
C THR A 202 -45.83 13.53 -37.26
N ASP A 203 -46.70 14.40 -37.75
CA ASP A 203 -47.51 14.05 -38.90
C ASP A 203 -46.93 14.62 -40.17
N ASP B 1 17.93 14.61 2.38
CA ASP B 1 17.24 14.80 1.08
C ASP B 1 16.02 13.88 1.21
N TRP B 2 14.91 14.23 0.58
CA TRP B 2 13.73 13.37 0.59
C TRP B 2 13.86 12.37 -0.53
N ILE B 3 13.60 11.09 -0.26
CA ILE B 3 13.69 10.04 -1.27
C ILE B 3 12.30 9.55 -1.68
N TRP B 4 11.86 9.96 -2.85
CA TRP B 4 10.52 9.67 -3.29
C TRP B 4 10.44 8.51 -4.30
N ASN B 5 11.55 8.19 -4.96
CA ASN B 5 11.54 7.11 -6.02
C ASN B 5 11.76 5.74 -5.40
N ARG B 6 10.79 5.39 -4.53
CA ARG B 6 10.79 4.18 -3.76
C ARG B 6 9.40 3.56 -3.67
N MET B 7 9.38 2.25 -3.61
CA MET B 7 8.19 1.51 -3.25
C MET B 7 8.60 0.63 -2.10
N HIS B 8 7.61 0.18 -1.33
CA HIS B 8 7.86 -0.73 -0.19
C HIS B 8 6.82 -1.85 -0.18
N ILE B 9 7.27 -3.05 0.11
CA ILE B 9 6.38 -4.19 0.27
C ILE B 9 6.92 -4.99 1.46
N ARG B 10 6.02 -5.46 2.30
CA ARG B 10 6.43 -6.21 3.48
CA ARG B 10 6.33 -6.24 3.49
C ARG B 10 6.87 -7.62 3.11
N GLU B 11 7.85 -8.15 3.85
CA GLU B 11 8.35 -9.47 3.60
C GLU B 11 7.39 -10.47 4.21
N GLU B 12 7.42 -11.71 3.75
CA GLU B 12 6.77 -12.81 4.44
C GLU B 12 5.27 -12.55 4.59
N ILE B 13 4.69 -12.00 3.52
CA ILE B 13 3.25 -11.82 3.37
C ILE B 13 2.56 -13.14 3.13
N ASP B 14 1.60 -13.43 3.99
CA ASP B 14 0.85 -14.67 4.06
C ASP B 14 -0.44 -14.76 3.28
N SER B 15 -1.04 -13.64 2.90
CA SER B 15 -2.27 -13.66 2.11
C SER B 15 -2.07 -14.16 0.67
N PRO B 16 -3.14 -14.45 -0.08
CA PRO B 16 -3.07 -14.82 -1.50
C PRO B 16 -2.24 -13.83 -2.31
N LEU B 17 -1.13 -14.30 -2.88
CA LEU B 17 -0.62 -13.72 -4.12
C LEU B 17 -1.74 -13.35 -5.07
N PRO B 18 -1.52 -12.30 -5.87
CA PRO B 18 -0.28 -11.53 -5.78
C PRO B 18 -0.44 -10.31 -4.86
N HIS B 19 0.67 -9.64 -4.57
CA HIS B 19 0.69 -8.61 -3.50
C HIS B 19 1.09 -7.26 -4.06
N HIS B 20 0.30 -6.24 -3.75
CA HIS B 20 0.55 -4.88 -4.28
C HIS B 20 1.85 -4.29 -3.71
N VAL B 21 2.72 -3.84 -4.59
CA VAL B 21 3.95 -3.15 -4.20
C VAL B 21 3.75 -1.65 -4.17
N GLY B 22 3.27 -1.09 -5.28
CA GLY B 22 3.15 0.35 -5.44
C GLY B 22 2.74 0.74 -6.86
N LYS B 23 2.84 2.01 -7.20
CA LYS B 23 2.28 2.48 -8.47
C LYS B 23 3.24 3.47 -9.14
N LEU B 24 3.51 3.25 -10.41
CA LEU B 24 4.25 4.20 -11.23
C LEU B 24 3.33 5.29 -11.79
N THR B 25 3.82 6.54 -11.83
CA THR B 25 3.07 7.66 -12.48
C THR B 25 3.93 8.53 -13.39
N SER B 26 3.51 8.57 -14.66
CA SER B 26 4.02 9.48 -15.69
C SER B 26 2.91 10.48 -16.02
N SER B 27 3.26 11.76 -16.13
CA SER B 27 2.29 12.80 -16.44
C SER B 27 1.87 12.75 -17.91
N VAL B 28 2.45 11.82 -18.64
CA VAL B 28 2.06 11.59 -20.04
C VAL B 28 0.64 11.04 -20.12
N GLY B 29 -0.25 11.80 -20.75
CA GLY B 29 -0.38 11.76 -22.20
C GLY B 29 -1.31 10.65 -22.66
N ASN B 30 -0.82 9.79 -23.55
CA ASN B 30 -1.61 8.69 -24.08
C ASN B 30 -2.15 7.80 -22.96
N LYS B 31 -3.26 7.13 -23.23
CA LYS B 31 -3.92 7.24 -24.53
C LYS B 31 -3.25 6.36 -25.58
N ASN B 32 -2.42 5.43 -25.11
CA ASN B 32 -1.71 4.52 -26.01
C ASN B 32 -0.34 4.14 -25.48
N ALA B 33 -0.03 4.59 -24.26
CA ALA B 33 1.25 4.30 -23.63
C ALA B 33 1.11 3.22 -22.57
N MET B 34 2.18 2.45 -22.37
CA MET B 34 2.17 1.38 -21.39
C MET B 34 3.41 1.45 -20.49
N TYR B 35 3.22 1.16 -19.20
CA TYR B 35 4.31 1.17 -18.24
C TYR B 35 5.05 -0.15 -18.42
N ILE B 36 6.38 -0.07 -18.54
CA ILE B 36 7.23 -1.25 -18.75
C ILE B 36 8.36 -1.19 -17.73
N ILE B 37 8.71 -2.32 -17.12
CA ILE B 37 9.81 -2.27 -16.13
C ILE B 37 10.96 -3.22 -16.49
N GLU B 38 12.15 -2.88 -16.01
CA GLU B 38 13.33 -3.74 -16.10
C GLU B 38 14.04 -3.67 -14.74
N GLY B 39 14.96 -4.60 -14.49
CA GLY B 39 15.86 -4.52 -13.36
C GLY B 39 15.74 -5.79 -12.55
N GLU B 40 16.11 -5.71 -11.27
CA GLU B 40 16.22 -6.90 -10.42
C GLU B 40 14.88 -7.56 -10.15
N SER B 41 14.73 -8.80 -10.66
CA SER B 41 13.49 -9.57 -10.55
C SER B 41 12.28 -8.91 -11.23
N ALA B 42 12.55 -7.96 -12.13
CA ALA B 42 11.46 -7.35 -12.92
C ALA B 42 10.90 -8.36 -13.87
N ASN B 43 9.58 -8.39 -13.98
CA ASN B 43 8.88 -9.28 -14.91
C ASN B 43 8.88 -10.75 -14.48
N THR B 44 9.51 -11.07 -13.35
CA THR B 44 9.38 -12.43 -12.76
C THR B 44 8.67 -12.28 -11.40
N ILE B 45 9.40 -11.79 -10.40
CA ILE B 45 8.72 -11.42 -9.15
C ILE B 45 7.80 -10.22 -9.29
N PHE B 46 8.31 -9.13 -9.87
CA PHE B 46 7.58 -7.86 -9.94
C PHE B 46 6.98 -7.64 -11.34
N LYS B 47 5.66 -7.50 -11.41
CA LYS B 47 5.01 -7.28 -12.69
C LYS B 47 4.07 -6.11 -12.65
N VAL B 48 4.04 -5.34 -13.74
CA VAL B 48 3.06 -4.27 -13.90
C VAL B 48 1.68 -4.83 -14.21
N GLN B 49 0.66 -4.31 -13.53
CA GLN B 49 -0.70 -4.79 -13.69
C GLN B 49 -1.68 -3.64 -13.92
N GLY B 50 -2.40 -3.68 -15.02
CA GLY B 50 -2.59 -2.51 -15.86
C GLY B 50 -3.98 -1.92 -15.72
N TYR B 51 -4.08 -0.61 -15.91
CA TYR B 51 -3.24 0.08 -16.89
C TYR B 51 -2.65 1.36 -16.30
N ASP B 52 -2.59 1.42 -14.96
CA ASP B 52 -2.30 2.67 -14.27
C ASP B 52 -0.96 2.59 -13.55
N GLY B 53 -0.16 1.59 -13.89
CA GLY B 53 1.23 1.55 -13.50
C GLY B 53 1.44 0.87 -12.15
N ASP B 54 0.41 0.17 -11.69
CA ASP B 54 0.52 -0.63 -10.48
C ASP B 54 1.46 -1.79 -10.65
N ILE B 55 2.32 -2.01 -9.66
CA ILE B 55 3.22 -3.16 -9.64
C ILE B 55 2.81 -4.10 -8.53
N TYR B 56 2.85 -5.40 -8.83
CA TYR B 56 2.49 -6.47 -7.86
C TYR B 56 3.65 -7.46 -7.74
N ALA B 57 3.76 -8.10 -6.57
CA ALA B 57 4.75 -9.16 -6.36
C ALA B 57 4.10 -10.52 -6.51
N PHE B 58 4.78 -11.42 -7.21
CA PHE B 58 4.19 -12.74 -7.51
C PHE B 58 4.86 -13.87 -6.73
N GLU B 59 5.76 -13.48 -5.82
CA GLU B 59 6.34 -14.37 -4.78
C GLU B 59 6.32 -13.68 -3.43
N ARG B 60 6.34 -14.49 -2.37
CA ARG B 60 6.61 -14.01 -1.01
C ARG B 60 8.08 -13.68 -0.89
N LEU B 61 8.38 -12.63 -0.14
CA LEU B 61 9.75 -12.14 -0.08
C LEU B 61 10.35 -12.37 1.29
N ASP B 62 11.67 -12.53 1.36
CA ASP B 62 12.37 -12.67 2.63
C ASP B 62 13.41 -11.58 2.67
N ARG B 63 13.21 -10.57 3.51
CA ARG B 63 14.19 -9.48 3.60
C ARG B 63 15.61 -9.95 3.92
N GLU B 64 15.71 -11.03 4.70
CA GLU B 64 16.99 -11.60 5.12
C GLU B 64 17.70 -12.26 3.95
N LYS B 65 16.98 -12.55 2.86
CA LYS B 65 17.56 -13.10 1.64
C LYS B 65 17.92 -11.94 0.71
N LYS B 66 16.97 -11.05 0.47
CA LYS B 66 17.28 -9.85 -0.31
C LYS B 66 16.36 -8.71 0.13
N ALA B 67 17.00 -7.58 0.47
CA ALA B 67 16.40 -6.46 1.18
C ALA B 67 15.85 -5.37 0.28
N GLU B 68 16.31 -5.33 -0.96
CA GLU B 68 15.83 -4.33 -1.91
C GLU B 68 16.21 -4.73 -3.34
N TYR B 69 15.53 -4.10 -4.29
CA TYR B 69 15.59 -4.43 -5.71
C TYR B 69 15.62 -3.14 -6.48
N GLU B 70 16.64 -2.96 -7.31
CA GLU B 70 16.78 -1.82 -8.21
C GLU B 70 16.09 -2.07 -9.55
N LEU B 71 15.14 -1.19 -9.90
CA LEU B 71 14.42 -1.31 -11.16
C LEU B 71 14.47 0.01 -11.91
N THR B 72 14.13 -0.05 -13.20
CA THR B 72 13.91 1.12 -14.03
C THR B 72 12.56 1.01 -14.70
N ALA B 73 11.80 2.09 -14.66
CA ALA B 73 10.50 2.19 -15.32
C ALA B 73 10.61 2.93 -16.66
N HIS B 74 9.79 2.52 -17.61
CA HIS B 74 9.65 3.13 -18.95
C HIS B 74 8.16 3.39 -19.18
N ILE B 75 7.86 4.32 -20.08
CA ILE B 75 6.53 4.43 -20.59
C ILE B 75 6.63 4.52 -22.11
N ILE B 76 5.98 3.56 -22.76
CA ILE B 76 6.12 3.27 -24.18
C ILE B 76 4.77 3.44 -24.91
N ASP B 77 4.76 4.16 -26.04
CA ASP B 77 3.61 4.21 -26.93
C ASP B 77 3.39 2.84 -27.55
N ARG B 78 2.21 2.27 -27.33
CA ARG B 78 1.91 0.92 -27.79
C ARG B 78 1.97 0.83 -29.32
N ARG B 79 1.52 1.89 -29.98
CA ARG B 79 1.42 1.89 -31.44
C ARG B 79 2.77 1.58 -32.07
N ASN B 80 3.80 2.35 -31.71
CA ASN B 80 5.01 2.44 -32.50
C ASN B 80 6.25 2.07 -31.70
N ASN B 81 6.05 1.70 -30.44
CA ASN B 81 7.15 1.31 -29.56
C ASN B 81 8.14 2.45 -29.35
N ARG B 82 7.63 3.68 -29.37
CA ARG B 82 8.42 4.84 -28.97
C ARG B 82 8.35 5.06 -27.47
N SER B 83 9.49 5.37 -26.85
CA SER B 83 9.53 5.79 -25.47
C SER B 83 9.03 7.21 -25.38
N LEU B 84 8.23 7.48 -24.34
CA LEU B 84 7.52 8.74 -24.19
C LEU B 84 8.08 9.60 -23.05
N GLU B 85 9.03 9.02 -22.31
CA GLU B 85 9.74 9.67 -21.19
C GLU B 85 11.13 9.07 -21.21
N PRO B 86 12.10 9.78 -20.60
CA PRO B 86 13.33 9.09 -20.24
C PRO B 86 13.02 8.08 -19.15
N PRO B 87 13.70 6.93 -19.16
CA PRO B 87 13.46 5.97 -18.09
C PRO B 87 13.71 6.57 -16.68
N SER B 88 13.10 5.98 -15.66
CA SER B 88 13.26 6.45 -14.28
C SER B 88 13.68 5.27 -13.38
N LYS B 89 14.86 5.37 -12.76
CA LYS B 89 15.33 4.41 -11.75
C LYS B 89 14.58 4.52 -10.40
N PHE B 90 14.32 3.38 -9.78
CA PHE B 90 13.63 3.32 -8.49
C PHE B 90 14.01 2.03 -7.75
N ILE B 91 13.74 2.01 -6.43
CA ILE B 91 14.07 0.88 -5.62
C ILE B 91 12.81 0.36 -4.94
N ILE B 92 12.62 -0.95 -5.02
CA ILE B 92 11.57 -1.60 -4.25
C ILE B 92 12.25 -2.12 -3.00
N LYS B 93 11.94 -1.51 -1.85
CA LYS B 93 12.47 -1.95 -0.55
C LYS B 93 11.59 -3.00 0.12
N VAL B 94 12.19 -4.04 0.69
CA VAL B 94 11.41 -5.05 1.42
C VAL B 94 11.38 -4.71 2.91
N SER B 95 10.19 -4.37 3.42
CA SER B 95 10.06 -3.96 4.82
C SER B 95 10.19 -5.18 5.74
N ASP B 96 11.01 -5.02 6.79
CA ASP B 96 11.33 -6.07 7.75
C ASP B 96 10.13 -6.44 8.59
N ILE B 97 9.90 -7.73 8.81
CA ILE B 97 9.11 -8.14 9.99
C ILE B 97 10.03 -8.81 10.98
N ASN B 98 9.55 -8.94 12.22
CA ASN B 98 10.34 -9.61 13.25
C ASN B 98 10.17 -11.11 13.15
N ASP B 99 10.97 -11.77 12.31
CA ASP B 99 10.83 -13.20 12.13
C ASP B 99 12.10 -14.05 12.42
N ASN B 100 13.07 -13.44 13.10
CA ASN B 100 14.29 -14.11 13.50
C ASN B 100 14.53 -13.88 15.00
N ALA B 101 15.00 -14.91 15.71
CA ALA B 101 15.28 -14.83 17.11
C ALA B 101 16.80 -14.71 17.27
N PRO B 102 17.29 -14.11 18.38
CA PRO B 102 18.73 -14.19 18.60
C PRO B 102 19.22 -15.63 18.76
N ILE B 103 20.35 -15.89 18.06
CA ILE B 103 21.02 -17.18 17.98
C ILE B 103 22.42 -17.02 18.57
N PHE B 104 22.75 -17.87 19.53
CA PHE B 104 24.12 -18.07 20.00
C PHE B 104 24.75 -19.12 19.08
N VAL B 105 25.76 -18.72 18.31
CA VAL B 105 26.53 -19.67 17.50
C VAL B 105 27.59 -20.33 18.40
N GLN B 106 28.39 -19.49 19.06
CA GLN B 106 29.19 -19.93 20.20
C GLN B 106 28.29 -20.28 21.40
N LYS B 107 28.36 -21.52 21.90
CA LYS B 107 27.47 -21.95 22.98
C LYS B 107 28.13 -22.12 24.37
N ILE B 108 29.46 -22.03 24.38
CA ILE B 108 30.25 -22.02 25.62
C ILE B 108 31.21 -20.84 25.64
N PHE B 109 31.01 -19.96 26.61
CA PHE B 109 31.89 -18.83 26.79
C PHE B 109 32.67 -19.08 28.07
N ASN B 110 33.88 -18.54 28.11
CA ASN B 110 34.75 -18.67 29.27
C ASN B 110 35.13 -17.29 29.78
N GLY B 111 35.04 -17.08 31.09
CA GLY B 111 35.52 -15.82 31.68
C GLY B 111 36.20 -16.04 33.00
N SER B 112 36.82 -15.01 33.52
CA SER B 112 37.39 -15.11 34.85
C SER B 112 37.30 -13.75 35.53
N VAL B 113 37.42 -13.75 36.86
CA VAL B 113 37.28 -12.55 37.68
C VAL B 113 37.97 -12.90 39.02
N PRO B 114 38.66 -11.93 39.65
CA PRO B 114 39.26 -12.17 40.97
C PRO B 114 38.25 -12.60 42.04
N GLU B 115 38.62 -13.62 42.83
CA GLU B 115 37.77 -13.99 43.96
C GLU B 115 37.54 -12.76 44.85
N MET B 116 36.43 -12.76 45.60
CA MET B 116 36.08 -11.68 46.52
C MET B 116 36.06 -10.31 45.86
N SER B 117 35.80 -10.25 44.55
CA SER B 117 35.59 -8.97 43.89
C SER B 117 34.31 -8.35 44.44
N ARG B 118 34.24 -7.03 44.44
CA ARG B 118 33.02 -6.35 44.85
C ARG B 118 31.83 -6.68 43.91
N LEU B 119 30.63 -6.46 44.44
CA LEU B 119 29.42 -6.55 43.67
C LEU B 119 29.55 -5.71 42.38
N GLY B 120 29.06 -6.23 41.27
CA GLY B 120 29.01 -5.44 40.06
C GLY B 120 30.32 -5.42 39.31
N THR B 121 31.19 -6.38 39.58
CA THR B 121 32.47 -6.42 38.86
C THR B 121 32.24 -7.13 37.55
N SER B 122 32.68 -6.51 36.46
CA SER B 122 32.57 -7.05 35.10
C SER B 122 33.36 -8.34 34.95
N VAL B 123 32.72 -9.37 34.39
CA VAL B 123 33.39 -10.65 34.18
C VAL B 123 33.76 -10.89 32.71
N THR B 124 32.78 -10.86 31.81
CA THR B 124 32.99 -11.18 30.40
C THR B 124 31.74 -10.76 29.66
N LYS B 125 31.75 -10.86 28.34
CA LYS B 125 30.61 -10.42 27.52
C LYS B 125 30.19 -11.55 26.59
N VAL B 126 28.91 -11.92 26.62
CA VAL B 126 28.36 -12.94 25.70
C VAL B 126 27.58 -12.16 24.63
N THR B 127 27.46 -12.77 23.44
CA THR B 127 26.76 -12.14 22.31
CA THR B 127 26.70 -12.14 22.35
C THR B 127 26.00 -13.18 21.52
N ALA B 128 24.69 -12.95 21.37
CA ALA B 128 23.81 -13.67 20.44
C ALA B 128 23.50 -12.73 19.25
N GLU B 129 23.22 -13.30 18.07
CA GLU B 129 22.99 -12.51 16.86
C GLU B 129 21.55 -12.66 16.36
N ASP B 130 20.92 -11.53 16.09
CA ASP B 130 19.55 -11.49 15.56
C ASP B 130 19.59 -10.97 14.11
N ALA B 131 19.10 -11.80 13.17
CA ALA B 131 19.20 -11.53 11.74
C ALA B 131 18.23 -10.45 11.18
N ASP B 132 17.32 -9.93 12.00
CA ASP B 132 16.35 -8.96 11.51
C ASP B 132 17.01 -7.59 11.29
N ASP B 133 16.23 -6.60 10.90
CA ASP B 133 16.78 -5.29 10.49
C ASP B 133 17.02 -4.43 11.74
N PRO B 134 18.31 -4.11 12.04
CA PRO B 134 18.68 -3.32 13.23
C PRO B 134 18.13 -1.90 13.27
N THR B 135 17.60 -1.41 12.15
CA THR B 135 17.08 -0.05 12.06
C THR B 135 15.58 0.01 12.26
N VAL B 136 14.93 -1.14 12.42
CA VAL B 136 13.47 -1.18 12.54
C VAL B 136 13.02 -1.58 13.95
N ALA B 137 12.35 -0.67 14.64
CA ALA B 137 11.49 -0.96 15.79
C ALA B 137 11.83 -2.16 16.68
N GLY B 138 13.06 -2.26 17.18
CA GLY B 138 13.41 -3.29 18.18
C GLY B 138 13.65 -4.71 17.64
N HIS B 139 13.53 -4.89 16.33
CA HIS B 139 13.52 -6.25 15.72
C HIS B 139 14.80 -7.06 15.94
N ALA B 140 15.94 -6.37 15.97
CA ALA B 140 17.27 -6.97 16.26
C ALA B 140 17.85 -6.46 17.58
N THR B 141 17.00 -5.98 18.47
CA THR B 141 17.45 -5.63 19.78
C THR B 141 17.55 -6.91 20.60
N VAL B 142 18.78 -7.27 21.00
CA VAL B 142 18.98 -8.45 21.83
C VAL B 142 18.89 -8.11 23.33
N THR B 143 18.15 -8.92 24.10
CA THR B 143 18.17 -8.86 25.56
C THR B 143 18.66 -10.21 26.11
N TYR B 144 19.13 -10.20 27.35
CA TYR B 144 19.71 -11.41 27.94
C TYR B 144 19.20 -11.58 29.35
N GLN B 145 19.01 -12.84 29.74
CA GLN B 145 18.60 -13.22 31.08
CA GLN B 145 18.69 -13.17 31.13
C GLN B 145 19.49 -14.36 31.56
N ILE B 146 19.80 -14.40 32.86
CA ILE B 146 20.44 -15.58 33.41
C ILE B 146 19.31 -16.52 33.87
N ILE B 147 19.36 -17.76 33.39
CA ILE B 147 18.34 -18.75 33.79
C ILE B 147 18.88 -19.87 34.73
N LYS B 148 20.20 -19.84 34.95
CA LYS B 148 20.84 -20.70 35.91
C LYS B 148 22.06 -20.00 36.48
N GLY B 149 22.13 -19.84 37.79
CA GLY B 149 23.30 -19.28 38.44
C GLY B 149 23.10 -17.85 38.90
N ASN B 150 21.83 -17.42 38.92
CA ASN B 150 21.41 -16.05 39.31
C ASN B 150 21.92 -15.55 40.63
N GLU B 151 22.09 -16.49 41.59
CA GLU B 151 22.60 -16.20 42.93
C GLU B 151 24.01 -15.61 42.88
N TYR B 152 24.81 -15.97 41.89
CA TYR B 152 26.21 -15.51 41.80
C TYR B 152 26.57 -14.39 40.78
N PHE B 153 25.87 -14.34 39.65
CA PHE B 153 26.16 -13.39 38.57
C PHE B 153 24.89 -12.76 38.03
N THR B 154 25.01 -11.57 37.47
CA THR B 154 23.92 -10.97 36.72
C THR B 154 24.38 -10.79 35.27
N VAL B 155 23.42 -10.54 34.39
CA VAL B 155 23.76 -10.13 33.05
C VAL B 155 22.92 -8.90 32.70
N ASP B 156 23.52 -7.99 31.96
CA ASP B 156 22.77 -6.86 31.40
C ASP B 156 22.29 -7.17 29.98
N ASP B 157 21.50 -6.27 29.39
CA ASP B 157 20.98 -6.47 28.05
C ASP B 157 21.99 -6.23 26.93
N SER B 158 23.23 -5.87 27.29
CA SER B 158 24.37 -5.91 26.34
C SER B 158 25.20 -7.21 26.48
N GLY B 159 24.75 -8.14 27.32
CA GLY B 159 25.43 -9.40 27.47
C GLY B 159 26.62 -9.39 28.40
N VAL B 160 26.84 -8.30 29.11
CA VAL B 160 27.94 -8.25 30.07
C VAL B 160 27.48 -8.96 31.37
N ILE B 161 28.32 -9.88 31.82
CA ILE B 161 28.14 -10.64 33.05
C ILE B 161 28.88 -9.89 34.18
N PHE B 162 28.20 -9.71 35.30
CA PHE B 162 28.75 -9.09 36.50
C PHE B 162 28.65 -10.03 37.70
N THR B 163 29.54 -9.86 38.67
CA THR B 163 29.31 -10.52 39.98
C THR B 163 28.03 -10.02 40.66
N ALA B 164 27.27 -10.93 41.29
CA ALA B 164 26.06 -10.59 42.01
C ALA B 164 26.28 -10.68 43.53
N ARG B 165 27.50 -11.03 43.94
CA ARG B 165 27.87 -11.12 45.35
C ARG B 165 29.34 -10.69 45.54
N ALA B 166 29.66 -10.20 46.74
CA ALA B 166 31.03 -9.78 47.04
C ALA B 166 31.86 -10.89 47.72
N ASP B 167 31.27 -12.07 47.95
CA ASP B 167 31.90 -13.14 48.76
C ASP B 167 32.22 -14.42 47.95
N LEU B 168 32.39 -14.27 46.63
CA LEU B 168 32.73 -15.39 45.75
C LEU B 168 34.16 -15.86 46.12
N ASP B 169 34.25 -17.07 46.66
CA ASP B 169 35.47 -17.50 47.32
C ASP B 169 36.13 -18.68 46.62
N ARG B 170 37.34 -18.41 46.10
CA ARG B 170 38.13 -19.34 45.27
C ARG B 170 38.41 -20.67 45.97
N GLU B 171 38.59 -20.61 47.30
CA GLU B 171 38.82 -21.78 48.17
C GLU B 171 37.60 -22.69 48.30
N SER B 172 36.42 -22.09 48.47
CA SER B 172 35.14 -22.80 48.46
C SER B 172 34.71 -23.27 47.03
N GLN B 173 34.63 -22.32 46.08
CA GLN B 173 34.34 -22.60 44.69
C GLN B 173 35.21 -21.73 43.82
N SER B 174 35.93 -22.36 42.91
CA SER B 174 36.82 -21.66 42.01
C SER B 174 36.24 -21.48 40.60
N ALA B 175 35.08 -22.10 40.32
CA ALA B 175 34.48 -22.08 38.97
C ALA B 175 32.94 -22.30 38.96
N TYR B 176 32.22 -21.48 38.18
CA TYR B 176 30.75 -21.53 38.13
C TYR B 176 30.31 -21.70 36.71
N GLU B 177 29.14 -22.29 36.53
CA GLU B 177 28.61 -22.43 35.21
C GLU B 177 27.24 -21.80 35.25
N ILE B 178 27.08 -20.73 34.51
CA ILE B 178 25.80 -20.06 34.44
C ILE B 178 25.23 -20.29 33.04
N ILE B 179 23.93 -20.18 32.90
CA ILE B 179 23.30 -20.27 31.60
C ILE B 179 22.54 -18.97 31.28
N VAL B 180 22.81 -18.43 30.10
CA VAL B 180 22.24 -17.16 29.65
C VAL B 180 21.28 -17.47 28.50
N LYS B 181 20.07 -16.86 28.56
CA LYS B 181 19.07 -16.94 27.52
C LYS B 181 19.00 -15.60 26.79
N ALA B 182 19.01 -15.61 25.46
CA ALA B 182 18.80 -14.38 24.68
C ALA B 182 17.44 -14.43 24.02
N LYS B 183 16.78 -13.28 23.94
CA LYS B 183 15.56 -13.17 23.09
C LYS B 183 15.51 -11.71 22.64
N ASP B 184 14.79 -11.42 21.56
CA ASP B 184 14.79 -10.00 21.15
C ASP B 184 13.82 -9.23 22.08
N ALA B 185 13.80 -7.91 21.93
CA ALA B 185 13.01 -7.05 22.79
C ALA B 185 11.49 -7.26 22.61
N LEU B 186 11.09 -7.85 21.48
CA LEU B 186 9.69 -8.15 21.23
C LEU B 186 9.32 -9.55 21.70
N GLY B 187 10.28 -10.26 22.27
CA GLY B 187 9.98 -11.55 22.93
C GLY B 187 10.31 -12.81 22.14
N LEU B 188 10.74 -12.64 20.89
CA LEU B 188 11.03 -13.76 20.02
C LEU B 188 12.26 -14.53 20.50
N THR B 189 12.05 -15.79 20.89
CA THR B 189 13.16 -16.70 21.12
C THR B 189 12.92 -18.05 20.43
N GLY B 190 13.99 -18.81 20.25
CA GLY B 190 13.91 -20.08 19.56
C GLY B 190 15.08 -20.99 19.87
N GLU B 191 15.47 -21.81 18.90
CA GLU B 191 16.03 -23.13 19.18
C GLU B 191 17.47 -23.02 19.66
N SER B 192 18.12 -21.90 19.34
CA SER B 192 19.53 -21.72 19.65
C SER B 192 19.73 -20.57 20.63
N SER B 193 18.99 -20.60 21.73
CA SER B 193 18.62 -19.38 22.44
C SER B 193 19.43 -19.24 23.74
N THR B 194 20.15 -20.30 24.08
CA THR B 194 20.88 -20.34 25.36
C THR B 194 22.36 -20.60 25.14
N ALA B 195 23.19 -20.07 26.03
CA ALA B 195 24.60 -20.43 26.08
C ALA B 195 25.06 -20.65 27.52
N THR B 196 26.12 -21.43 27.68
CA THR B 196 26.69 -21.68 29.02
C THR B 196 27.88 -20.78 29.15
N VAL B 197 28.07 -20.21 30.32
CA VAL B 197 29.27 -19.44 30.61
C VAL B 197 29.97 -20.08 31.82
N ILE B 198 31.23 -20.45 31.62
CA ILE B 198 32.10 -21.04 32.63
C ILE B 198 33.00 -19.96 33.18
N ILE B 199 32.79 -19.62 34.46
CA ILE B 199 33.47 -18.51 35.10
C ILE B 199 34.40 -19.07 36.18
N ARG B 200 35.69 -18.72 36.10
CA ARG B 200 36.68 -19.17 37.07
C ARG B 200 37.21 -18.02 37.91
N LEU B 201 37.38 -18.28 39.21
CA LEU B 201 37.90 -17.27 40.12
C LEU B 201 39.41 -17.32 40.10
N THR B 202 40.03 -16.15 40.03
CA THR B 202 41.47 -16.07 40.10
C THR B 202 41.91 -15.43 41.40
N ASP B 203 43.18 -15.65 41.73
CA ASP B 203 43.98 -14.79 42.60
C ASP B 203 45.21 -15.53 43.03
CA CA C . -17.03 5.81 -3.23
CA CA D . -19.33 2.86 -12.19
CA CA E . -15.63 5.01 -6.92
CA CA F . 12.48 -13.19 6.72
CA CA G . 14.31 -10.49 15.85
CA CA H . 12.94 -10.06 9.24
#